data_4MTD
#
_entry.id   4MTD
#
_cell.length_a   193.324
_cell.length_b   80.470
_cell.length_c   98.770
_cell.angle_alpha   90.00
_cell.angle_beta   120.15
_cell.angle_gamma   90.00
#
_symmetry.space_group_name_H-M   'C 1 2 1'
#
loop_
_entity.id
_entity.type
_entity.pdbx_description
1 polymer 'Zinc uptake regulation protein'
2 polymer 'znuABC operator DNA'
3 polymer 'znuABC operator DNA'
4 non-polymer 'ZINC ION'
#
loop_
_entity_poly.entity_id
_entity_poly.type
_entity_poly.pdbx_seq_one_letter_code
_entity_poly.pdbx_strand_id
1 'polypeptide(L)'
;MEKTTTQELLAQAEKICAQRNVRLTPQRLEVLRLMSLQDGAISAYDLLDLLREAEPQAKPPTVYRALDFLLEQGFVHKVE
STNSYVLCHLFDQPTHTSAMFICDRCGAVKEECAEGVEDIMHTLAAKMGFALRHNVIEAHGLCAACVEVEACRHPEQCQH
DHSVQVKKKPR
;
A,B,C,D
2 'polydeoxyribonucleotide'
;(DA)(DG)(DA)(DA)(DG)(DT)(DG)(DT)(DG)(DA)(DT)(DA)(DT)(DT)(DA)(DT)(DA)(DA)(DC)(DA)
(DT)(DT)(DT)(DC)(DA)(DT)(DG)(DA)(DC)(DT)(DA)(DT)(DG)
;
Y
3 'polydeoxyribonucleotide'
;(DT)(DA)(DG)(DT)(DC)(DA)(DT)(DG)(DA)(DA)(DA)(DT)(DG)(DT)(DT)(DA)(DT)(DA)(DA)(DT)
(DA)(DT)(DC)(DA)(DC)(DA)(DC)(DT)(DT)(DC)(DT)(DC)(DA)
;
Z
#
loop_
_chem_comp.id
_chem_comp.type
_chem_comp.name
_chem_comp.formula
DA DNA linking 2'-DEOXYADENOSINE-5'-MONOPHOSPHATE 'C10 H14 N5 O6 P'
DC DNA linking 2'-DEOXYCYTIDINE-5'-MONOPHOSPHATE 'C9 H14 N3 O7 P'
DG DNA linking 2'-DEOXYGUANOSINE-5'-MONOPHOSPHATE 'C10 H14 N5 O7 P'
DT DNA linking THYMIDINE-5'-MONOPHOSPHATE 'C10 H15 N2 O8 P'
ZN non-polymer 'ZINC ION' 'Zn 2'
#
# COMPACT_ATOMS: atom_id res chain seq x y z
N THR A 4 -24.15 19.60 -19.58
CA THR A 4 -23.51 20.53 -20.57
C THR A 4 -22.52 21.50 -19.93
N THR A 5 -22.76 21.87 -18.67
CA THR A 5 -21.73 22.58 -17.89
C THR A 5 -20.51 21.68 -17.71
N THR A 6 -20.76 20.37 -17.62
CA THR A 6 -19.69 19.36 -17.58
C THR A 6 -18.97 19.28 -18.93
N GLN A 7 -19.71 19.13 -20.02
CA GLN A 7 -19.14 19.16 -21.39
C GLN A 7 -18.17 20.32 -21.58
N GLU A 8 -18.67 21.52 -21.30
CA GLU A 8 -17.87 22.74 -21.38
C GLU A 8 -16.62 22.65 -20.52
N LEU A 9 -16.82 22.18 -19.30
CA LEU A 9 -15.72 22.05 -18.35
C LEU A 9 -14.67 21.05 -18.85
N LEU A 10 -15.12 19.94 -19.43
CA LEU A 10 -14.20 18.96 -20.00
C LEU A 10 -13.48 19.50 -21.24
N ALA A 11 -14.25 20.16 -22.10
CA ALA A 11 -13.70 20.77 -23.33
C ALA A 11 -12.61 21.77 -22.99
N GLN A 12 -12.83 22.50 -21.90
CA GLN A 12 -11.87 23.44 -21.37
C GLN A 12 -10.60 22.78 -20.83
N ALA A 13 -10.75 21.63 -20.19
CA ALA A 13 -9.59 20.92 -19.65
C ALA A 13 -8.75 20.32 -20.77
N GLU A 14 -9.43 19.78 -21.78
CA GLU A 14 -8.76 19.27 -22.98
C GLU A 14 -7.96 20.34 -23.70
N LYS A 15 -8.45 21.57 -23.64
CA LYS A 15 -7.76 22.71 -24.25
C LYS A 15 -6.52 23.09 -23.45
N ILE A 16 -6.67 23.24 -22.14
CA ILE A 16 -5.54 23.55 -21.26
C ILE A 16 -4.45 22.49 -21.34
N CYS A 17 -4.85 21.23 -21.37
CA CYS A 17 -3.90 20.12 -21.47
C CYS A 17 -3.25 20.04 -22.85
N ALA A 18 -3.94 20.51 -23.89
CA ALA A 18 -3.33 20.63 -25.22
C ALA A 18 -2.27 21.74 -25.21
N GLN A 19 -2.57 22.85 -24.55
CA GLN A 19 -1.63 23.97 -24.45
C GLN A 19 -0.32 23.53 -23.80
N ARG A 20 -0.38 23.04 -22.56
CA ARG A 20 0.80 22.44 -21.92
C ARG A 20 1.01 21.09 -22.60
N ASN A 21 2.25 20.61 -22.67
CA ASN A 21 2.51 19.37 -23.42
C ASN A 21 2.15 18.16 -22.56
N VAL A 22 0.84 17.91 -22.44
CA VAL A 22 0.31 17.06 -21.36
C VAL A 22 -0.90 16.22 -21.78
N ARG A 23 -0.93 14.97 -21.33
CA ARG A 23 -1.86 13.98 -21.84
C ARG A 23 -3.08 13.75 -20.92
N LEU A 24 -4.22 14.30 -21.33
CA LEU A 24 -5.49 14.05 -20.67
C LEU A 24 -6.10 12.78 -21.24
N THR A 25 -5.67 11.64 -20.71
CA THR A 25 -6.10 10.33 -21.19
C THR A 25 -7.56 10.06 -20.90
N PRO A 26 -8.16 9.07 -21.57
CA PRO A 26 -9.57 8.73 -21.33
C PRO A 26 -9.89 8.44 -19.87
N GLN A 27 -8.94 7.80 -19.21
CA GLN A 27 -9.07 7.45 -17.81
C GLN A 27 -9.11 8.74 -16.95
N ARG A 28 -8.13 9.61 -17.20
CA ARG A 28 -8.07 10.90 -16.50
C ARG A 28 -9.27 11.76 -16.81
N LEU A 29 -9.71 11.75 -18.05
CA LEU A 29 -10.87 12.50 -18.46
C LEU A 29 -12.10 11.97 -17.73
N GLU A 30 -12.22 10.65 -17.70
CA GLU A 30 -13.33 10.01 -17.03
C GLU A 30 -13.43 10.36 -15.55
N VAL A 31 -12.30 10.39 -14.85
CA VAL A 31 -12.31 10.74 -13.45
C VAL A 31 -12.77 12.18 -13.32
N LEU A 32 -12.26 13.04 -14.19
CA LEU A 32 -12.62 14.46 -14.17
C LEU A 32 -14.12 14.65 -14.37
N ARG A 33 -14.65 13.93 -15.33
CA ARG A 33 -16.08 13.94 -15.59
C ARG A 33 -16.87 13.55 -14.33
N LEU A 34 -16.45 12.47 -13.68
CA LEU A 34 -17.17 11.98 -12.52
C LEU A 34 -17.19 13.01 -11.39
N MET A 35 -16.03 13.60 -11.11
CA MET A 35 -15.95 14.63 -10.06
C MET A 35 -16.74 15.88 -10.40
N SER A 36 -16.71 16.29 -11.65
CA SER A 36 -17.49 17.44 -12.09
C SER A 36 -18.98 17.23 -11.80
N LEU A 37 -19.50 16.05 -12.16
CA LEU A 37 -20.91 15.76 -11.91
C LEU A 37 -21.24 15.69 -10.42
N GLN A 38 -20.25 15.31 -9.61
CA GLN A 38 -20.40 15.30 -8.15
C GLN A 38 -20.61 16.74 -7.69
N ASP A 39 -21.42 16.92 -6.65
CA ASP A 39 -21.74 18.28 -6.17
C ASP A 39 -20.48 18.96 -5.66
N GLY A 40 -19.72 18.20 -4.88
CA GLY A 40 -18.50 18.70 -4.28
C GLY A 40 -17.64 17.52 -3.90
N ALA A 41 -17.33 17.41 -2.62
CA ALA A 41 -16.26 16.52 -2.17
C ALA A 41 -16.63 15.04 -2.29
N ILE A 42 -15.61 14.23 -2.55
CA ILE A 42 -15.77 12.80 -2.66
C ILE A 42 -14.47 12.10 -2.32
N SER A 43 -14.56 11.09 -1.47
CA SER A 43 -13.42 10.24 -1.14
C SER A 43 -12.90 9.52 -2.38
N ALA A 44 -11.62 9.16 -2.35
CA ALA A 44 -11.02 8.40 -3.45
C ALA A 44 -11.76 7.10 -3.73
N TYR A 45 -12.08 6.33 -2.70
CA TYR A 45 -12.74 5.00 -2.87
C TYR A 45 -14.20 5.10 -3.34
N ASP A 46 -14.91 6.17 -2.97
CA ASP A 46 -16.25 6.40 -3.57
C ASP A 46 -16.09 6.72 -5.04
N LEU A 47 -15.05 7.48 -5.36
CA LEU A 47 -14.73 7.83 -6.74
C LEU A 47 -14.29 6.60 -7.52
N LEU A 48 -13.51 5.73 -6.89
CA LEU A 48 -13.17 4.44 -7.49
C LEU A 48 -14.44 3.62 -7.80
N ASP A 49 -15.42 3.62 -6.90
CA ASP A 49 -16.67 2.89 -7.15
C ASP A 49 -17.36 3.39 -8.42
N LEU A 50 -17.43 4.70 -8.58
CA LEU A 50 -18.04 5.27 -9.78
C LEU A 50 -17.25 4.93 -11.01
N LEU A 51 -15.92 4.97 -10.89
CA LEU A 51 -15.02 4.71 -12.02
C LEU A 51 -15.19 3.29 -12.55
N ARG A 52 -15.51 2.37 -11.66
CA ARG A 52 -15.70 0.98 -12.03
C ARG A 52 -16.95 0.74 -12.86
N GLU A 53 -17.81 1.76 -12.97
CA GLU A 53 -18.95 1.71 -13.90
C GLU A 53 -18.45 1.66 -15.33
N ALA A 54 -17.54 2.56 -15.67
CA ALA A 54 -16.98 2.65 -17.02
C ALA A 54 -15.73 1.76 -17.21
N GLU A 55 -14.95 1.58 -16.14
CA GLU A 55 -13.75 0.74 -16.17
C GLU A 55 -13.78 -0.28 -15.05
N PRO A 56 -14.38 -1.46 -15.30
CA PRO A 56 -14.60 -2.44 -14.24
C PRO A 56 -13.32 -2.99 -13.61
N GLN A 57 -12.19 -2.86 -14.28
CA GLN A 57 -10.92 -3.34 -13.74
C GLN A 57 -10.21 -2.30 -12.87
N ALA A 58 -10.79 -1.12 -12.70
CA ALA A 58 -10.11 -0.05 -11.95
C ALA A 58 -9.83 -0.46 -10.51
N LYS A 59 -8.66 -0.07 -10.02
CA LYS A 59 -8.21 -0.43 -8.69
C LYS A 59 -7.67 0.80 -8.00
N PRO A 60 -7.33 0.70 -6.71
CA PRO A 60 -6.97 1.95 -6.05
C PRO A 60 -5.85 2.77 -6.71
N PRO A 61 -4.79 2.11 -7.20
CA PRO A 61 -3.78 2.90 -7.90
C PRO A 61 -4.35 3.65 -9.10
N THR A 62 -5.38 3.09 -9.73
CA THR A 62 -5.98 3.75 -10.88
C THR A 62 -6.54 5.11 -10.48
N VAL A 63 -7.34 5.14 -9.42
CA VAL A 63 -7.95 6.39 -9.00
C VAL A 63 -6.90 7.35 -8.42
N TYR A 64 -5.93 6.83 -7.69
CA TYR A 64 -4.89 7.69 -7.12
C TYR A 64 -3.95 8.27 -8.20
N ARG A 65 -3.61 7.49 -9.22
CA ARG A 65 -2.80 8.05 -10.30
CA ARG A 65 -2.83 8.01 -10.37
C ARG A 65 -3.55 9.20 -11.00
N ALA A 66 -4.83 9.00 -11.32
CA ALA A 66 -5.63 10.06 -11.94
C ALA A 66 -5.75 11.32 -11.06
N LEU A 67 -5.95 11.12 -9.77
CA LEU A 67 -6.01 12.25 -8.84
C LEU A 67 -4.70 13.04 -8.82
N ASP A 68 -3.56 12.33 -8.73
CA ASP A 68 -2.26 12.98 -8.75
C ASP A 68 -2.09 13.81 -10.00
N PHE A 69 -2.44 13.26 -11.15
CA PHE A 69 -2.40 14.02 -12.38
C PHE A 69 -3.29 15.26 -12.26
N LEU A 70 -4.54 15.07 -11.88
CA LEU A 70 -5.49 16.17 -11.79
C LEU A 70 -5.10 17.17 -10.72
N LEU A 71 -4.39 16.71 -9.69
CA LEU A 71 -3.85 17.60 -8.66
C LEU A 71 -2.65 18.40 -9.17
N GLU A 72 -1.77 17.75 -9.91
CA GLU A 72 -0.54 18.37 -10.42
C GLU A 72 -0.85 19.47 -11.43
N GLN A 73 -1.80 19.19 -12.31
CA GLN A 73 -2.44 20.22 -13.10
C GLN A 73 -3.37 20.91 -12.12
N GLY A 74 -4.00 22.00 -12.47
CA GLY A 74 -4.74 22.75 -11.45
C GLY A 74 -6.15 22.27 -11.13
N PHE A 75 -6.55 21.10 -11.63
CA PHE A 75 -7.98 20.76 -11.77
C PHE A 75 -8.72 20.35 -10.51
N VAL A 76 -8.02 19.78 -9.52
CA VAL A 76 -8.68 19.40 -8.28
C VAL A 76 -7.86 19.77 -7.06
N HIS A 77 -8.53 19.86 -5.92
CA HIS A 77 -7.87 20.09 -4.66
C HIS A 77 -8.15 18.94 -3.71
N LYS A 78 -7.16 18.61 -2.88
CA LYS A 78 -7.41 17.76 -1.75
C LYS A 78 -8.08 18.59 -0.67
N VAL A 79 -9.07 18.00 0.00
CA VAL A 79 -9.70 18.61 1.15
C VAL A 79 -9.12 17.91 2.36
N GLU A 80 -8.12 18.53 2.98
CA GLU A 80 -7.32 17.86 4.00
C GLU A 80 -8.08 17.39 5.26
N SER A 81 -9.16 18.06 5.63
CA SER A 81 -9.86 17.73 6.89
C SER A 81 -10.96 16.69 6.72
N THR A 82 -11.22 16.28 5.50
CA THR A 82 -12.03 15.11 5.22
C THR A 82 -11.31 14.48 4.07
N ASN A 83 -10.85 13.25 4.21
CA ASN A 83 -9.85 12.78 3.25
C ASN A 83 -10.48 12.62 1.88
N SER A 84 -10.54 13.74 1.18
CA SER A 84 -11.48 13.88 0.09
C SER A 84 -11.01 14.87 -0.95
N TYR A 85 -11.72 14.89 -2.07
CA TYR A 85 -11.29 15.63 -3.25
C TYR A 85 -12.45 16.33 -3.93
N VAL A 86 -12.16 17.49 -4.50
CA VAL A 86 -13.18 18.30 -5.15
C VAL A 86 -12.57 19.00 -6.35
N LEU A 87 -13.41 19.35 -7.32
CA LEU A 87 -12.98 20.17 -8.45
C LEU A 87 -12.61 21.57 -8.00
N CYS A 88 -11.58 22.13 -8.63
CA CYS A 88 -11.24 23.53 -8.47
C CYS A 88 -12.23 24.35 -9.30
N HIS A 89 -12.74 25.43 -8.70
CA HIS A 89 -13.78 26.25 -9.35
C HIS A 89 -13.32 27.05 -10.59
N LEU A 90 -12.03 27.37 -10.68
CA LEU A 90 -11.48 28.07 -11.85
C LEU A 90 -10.13 27.46 -12.28
N PHE A 91 -10.09 26.84 -13.45
CA PHE A 91 -8.94 26.02 -13.85
C PHE A 91 -7.61 26.75 -14.11
N ASP A 92 -7.44 27.34 -15.28
CA ASP A 92 -6.09 27.66 -15.83
C ASP A 92 -5.10 28.44 -14.93
N GLN A 93 -5.58 29.06 -13.85
CA GLN A 93 -4.70 29.81 -12.93
C GLN A 93 -3.60 28.93 -12.30
N PRO A 94 -2.48 29.55 -11.90
CA PRO A 94 -1.37 28.80 -11.30
C PRO A 94 -1.60 28.44 -9.83
N THR A 95 -0.62 27.76 -9.22
CA THR A 95 -0.70 27.33 -7.82
C THR A 95 -1.19 28.47 -6.91
N HIS A 96 -2.39 28.30 -6.37
CA HIS A 96 -3.07 29.33 -5.61
C HIS A 96 -3.50 28.83 -4.23
N THR A 97 -3.50 29.74 -3.25
CA THR A 97 -4.05 29.47 -1.93
C THR A 97 -5.49 29.96 -1.91
N SER A 98 -6.42 29.04 -1.72
CA SER A 98 -7.85 29.35 -1.62
C SER A 98 -8.42 28.90 -0.27
N ALA A 99 -9.43 29.62 0.20
CA ALA A 99 -10.19 29.22 1.39
C ALA A 99 -11.33 28.29 0.98
N MET A 100 -11.47 27.17 1.68
CA MET A 100 -12.47 26.14 1.31
C MET A 100 -13.55 26.10 2.37
N PHE A 101 -14.79 26.34 1.97
CA PHE A 101 -15.94 26.25 2.88
C PHE A 101 -16.70 24.98 2.58
N ILE A 102 -16.61 24.01 3.50
CA ILE A 102 -17.14 22.67 3.27
C ILE A 102 -18.39 22.45 4.09
N CYS A 103 -19.44 21.99 3.45
CA CYS A 103 -20.66 21.66 4.15
C CYS A 103 -20.61 20.23 4.68
N ASP A 104 -20.73 20.10 6.00
CA ASP A 104 -20.66 18.82 6.69
C ASP A 104 -21.91 17.97 6.49
N ARG A 105 -22.97 18.57 5.96
CA ARG A 105 -24.18 17.81 5.66
C ARG A 105 -24.21 17.21 4.25
N CYS A 106 -23.99 18.03 3.22
CA CYS A 106 -24.15 17.60 1.81
C CYS A 106 -22.85 17.42 1.01
N GLY A 107 -21.71 17.80 1.57
CA GLY A 107 -20.43 17.68 0.87
C GLY A 107 -20.07 18.79 -0.10
N ALA A 108 -20.91 19.81 -0.25
CA ALA A 108 -20.63 20.91 -1.19
C ALA A 108 -19.47 21.73 -0.68
N VAL A 109 -18.75 22.37 -1.60
CA VAL A 109 -17.55 23.12 -1.27
C VAL A 109 -17.49 24.40 -2.11
N LYS A 110 -17.43 25.55 -1.45
CA LYS A 110 -17.28 26.83 -2.13
C LYS A 110 -15.82 27.27 -1.95
N GLU A 111 -15.14 27.46 -3.08
CA GLU A 111 -13.75 27.91 -3.08
C GLU A 111 -13.72 29.44 -3.19
N GLU A 112 -13.19 30.12 -2.18
CA GLU A 112 -13.10 31.58 -2.17
C GLU A 112 -11.66 32.04 -2.07
N CYS A 113 -11.43 33.29 -2.47
CA CYS A 113 -10.16 33.95 -2.24
C CYS A 113 -10.15 34.49 -0.81
N ALA A 114 -9.00 34.41 -0.16
CA ALA A 114 -8.85 34.96 1.20
C ALA A 114 -7.50 35.66 1.34
N GLU A 115 -7.35 36.77 0.62
CA GLU A 115 -6.12 37.56 0.67
C GLU A 115 -5.76 38.00 2.09
N GLY A 116 -6.76 38.44 2.85
CA GLY A 116 -6.54 38.91 4.22
C GLY A 116 -5.95 37.85 5.12
N VAL A 117 -6.44 36.62 4.97
CA VAL A 117 -5.97 35.48 5.77
C VAL A 117 -4.49 35.22 5.46
N GLU A 118 -4.17 35.13 4.18
CA GLU A 118 -2.78 34.92 3.74
C GLU A 118 -1.88 36.00 4.31
N ASP A 119 -2.36 37.25 4.30
CA ASP A 119 -1.60 38.40 4.80
C ASP A 119 -1.42 38.37 6.32
N ILE A 120 -2.40 37.86 7.05
CA ILE A 120 -2.25 37.70 8.49
C ILE A 120 -1.21 36.62 8.79
N MET A 121 -1.31 35.50 8.08
CA MET A 121 -0.37 34.39 8.24
C MET A 121 1.03 34.79 7.76
N HIS A 122 1.08 35.65 6.74
CA HIS A 122 2.36 36.15 6.19
C HIS A 122 3.11 36.95 7.24
N THR A 123 2.39 37.84 7.92
CA THR A 123 2.97 38.67 8.99
C THR A 123 3.23 37.84 10.24
N LEU A 124 2.29 36.96 10.58
CA LEU A 124 2.46 36.09 11.75
C LEU A 124 3.67 35.17 11.63
N ALA A 125 3.91 34.67 10.42
CA ALA A 125 5.10 33.87 10.14
C ALA A 125 6.36 34.72 10.26
N ALA A 126 6.27 35.98 9.83
CA ALA A 126 7.40 36.91 9.85
C ALA A 126 7.81 37.34 11.25
N LYS A 127 6.85 37.54 12.16
CA LYS A 127 7.17 37.90 13.55
C LYS A 127 7.84 36.74 14.29
N MET A 128 7.46 35.52 13.93
CA MET A 128 8.24 34.34 14.27
C MET A 128 9.35 34.22 13.24
N GLY A 129 10.15 33.17 13.32
CA GLY A 129 11.15 32.91 12.29
C GLY A 129 10.64 32.01 11.17
N PHE A 130 9.33 31.99 10.97
CA PHE A 130 8.69 31.00 10.10
C PHE A 130 8.61 31.45 8.65
N ALA A 131 9.15 30.61 7.76
CA ALA A 131 9.04 30.83 6.32
C ALA A 131 7.99 29.87 5.78
N LEU A 132 6.79 30.38 5.53
CA LEU A 132 5.68 29.52 5.09
C LEU A 132 5.62 29.37 3.57
N ARG A 133 5.44 28.13 3.13
CA ARG A 133 5.26 27.82 1.70
C ARG A 133 3.78 27.88 1.33
N HIS A 134 2.95 27.17 2.08
CA HIS A 134 1.54 26.97 1.74
C HIS A 134 0.62 27.04 2.96
N ASN A 135 -0.54 27.69 2.80
CA ASN A 135 -1.58 27.68 3.82
C ASN A 135 -2.68 26.67 3.47
N VAL A 136 -3.26 26.06 4.49
CA VAL A 136 -4.43 25.22 4.34
C VAL A 136 -5.54 25.87 5.12
N ILE A 137 -6.54 26.39 4.41
CA ILE A 137 -7.65 27.10 5.02
C ILE A 137 -8.93 26.39 4.66
N GLU A 138 -9.51 25.71 5.64
CA GLU A 138 -10.73 24.93 5.44
C GLU A 138 -11.74 25.19 6.55
N ALA A 139 -12.97 25.51 6.17
CA ALA A 139 -14.02 25.85 7.11
C ALA A 139 -15.12 24.81 7.04
N HIS A 140 -15.50 24.30 8.21
CA HIS A 140 -16.62 23.37 8.32
C HIS A 140 -17.83 24.10 8.86
N GLY A 141 -19.01 23.62 8.46
CA GLY A 141 -20.26 24.30 8.76
C GLY A 141 -21.33 23.84 7.81
N LEU A 142 -22.24 24.74 7.45
CA LEU A 142 -23.33 24.41 6.55
C LEU A 142 -23.50 25.44 5.46
N CYS A 143 -23.75 24.96 4.25
CA CYS A 143 -24.01 25.83 3.12
C CYS A 143 -25.41 26.41 3.24
N ALA A 144 -25.70 27.42 2.43
CA ALA A 144 -26.98 28.13 2.48
C ALA A 144 -28.17 27.16 2.47
N ALA A 145 -28.25 26.35 1.41
CA ALA A 145 -29.36 25.40 1.23
C ALA A 145 -29.58 24.53 2.46
N CYS A 146 -28.48 23.99 3.01
CA CYS A 146 -28.58 23.11 4.19
C CYS A 146 -28.91 23.88 5.45
N VAL A 147 -28.60 25.18 5.47
CA VAL A 147 -29.01 26.04 6.59
C VAL A 147 -30.52 26.14 6.63
N GLU A 148 -31.16 26.40 5.49
CA GLU A 148 -32.62 26.45 5.43
C GLU A 148 -33.23 25.13 5.91
N VAL A 149 -32.62 24.00 5.51
CA VAL A 149 -33.14 22.68 5.82
C VAL A 149 -33.04 22.34 7.30
N GLU A 150 -31.96 22.78 7.96
CA GLU A 150 -31.76 22.51 9.38
C GLU A 150 -32.65 23.38 10.28
N ALA A 151 -33.06 24.53 9.77
CA ALA A 151 -34.02 25.40 10.47
C ALA A 151 -35.46 24.89 10.34
N CYS A 152 -35.79 24.29 9.18
CA CYS A 152 -37.14 23.79 8.87
C CYS A 152 -38.11 24.93 8.62
N LYS B 3 -23.93 -32.28 3.62
CA LYS B 3 -24.04 -33.34 2.56
C LYS B 3 -23.35 -32.95 1.25
N THR B 4 -23.49 -31.67 0.85
CA THR B 4 -22.80 -31.17 -0.34
C THR B 4 -21.33 -30.93 -0.02
N THR B 5 -20.46 -31.09 -1.01
CA THR B 5 -19.02 -30.95 -0.80
C THR B 5 -18.70 -29.68 -0.02
N THR B 6 -19.29 -28.56 -0.44
CA THR B 6 -19.03 -27.27 0.17
C THR B 6 -19.45 -27.23 1.64
N GLN B 7 -20.68 -27.65 1.93
CA GLN B 7 -21.12 -27.76 3.32
C GLN B 7 -20.17 -28.63 4.14
N GLU B 8 -19.92 -29.84 3.64
CA GLU B 8 -19.05 -30.78 4.31
C GLU B 8 -17.70 -30.13 4.59
N LEU B 9 -17.16 -29.51 3.56
CA LEU B 9 -15.85 -28.89 3.62
C LEU B 9 -15.82 -27.76 4.66
N LEU B 10 -16.84 -26.93 4.66
CA LEU B 10 -16.91 -25.83 5.62
C LEU B 10 -17.06 -26.35 7.05
N ALA B 11 -17.83 -27.43 7.21
CA ALA B 11 -18.03 -28.02 8.53
C ALA B 11 -16.69 -28.57 9.06
N GLN B 12 -15.93 -29.24 8.20
CA GLN B 12 -14.59 -29.70 8.55
C GLN B 12 -13.75 -28.55 9.07
N ALA B 13 -13.75 -27.46 8.31
CA ALA B 13 -13.00 -26.26 8.66
C ALA B 13 -13.47 -25.68 9.98
N GLU B 14 -14.79 -25.58 10.15
CA GLU B 14 -15.37 -25.12 11.41
C GLU B 14 -14.92 -25.98 12.59
N LYS B 15 -14.76 -27.29 12.35
CA LYS B 15 -14.36 -28.22 13.40
C LYS B 15 -12.89 -28.07 13.75
N ILE B 16 -12.04 -27.95 12.74
CA ILE B 16 -10.60 -27.81 12.95
C ILE B 16 -10.29 -26.50 13.68
N CYS B 17 -10.97 -25.44 13.27
CA CYS B 17 -10.75 -24.13 13.87
C CYS B 17 -11.25 -24.07 15.31
N ALA B 18 -12.23 -24.90 15.66
CA ALA B 18 -12.65 -25.07 17.04
C ALA B 18 -11.62 -25.90 17.82
N GLN B 19 -11.19 -27.02 17.24
CA GLN B 19 -10.13 -27.84 17.83
C GLN B 19 -8.94 -26.97 18.22
N ARG B 20 -8.44 -26.18 17.27
CA ARG B 20 -7.47 -25.13 17.56
C ARG B 20 -8.31 -24.00 18.14
N ASN B 21 -7.77 -23.20 19.06
CA ASN B 21 -8.59 -22.13 19.65
C ASN B 21 -8.51 -20.88 18.78
N VAL B 22 -9.26 -20.91 17.68
CA VAL B 22 -9.07 -19.95 16.58
C VAL B 22 -10.39 -19.59 15.89
N ARG B 23 -10.55 -18.32 15.54
CA ARG B 23 -11.84 -17.79 15.11
C ARG B 23 -12.03 -17.87 13.60
N LEU B 24 -12.98 -18.71 13.18
CA LEU B 24 -13.38 -18.76 11.79
C LEU B 24 -14.58 -17.84 11.62
N THR B 25 -14.31 -16.56 11.40
CA THR B 25 -15.34 -15.52 11.37
C THR B 25 -16.20 -15.64 10.13
N PRO B 26 -17.37 -14.98 10.11
CA PRO B 26 -18.19 -14.98 8.90
C PRO B 26 -17.44 -14.54 7.64
N GLN B 27 -16.59 -13.53 7.78
CA GLN B 27 -15.85 -13.00 6.66
C GLN B 27 -14.88 -14.06 6.15
N ARG B 28 -14.19 -14.71 7.08
CA ARG B 28 -13.23 -15.76 6.72
C ARG B 28 -13.97 -16.96 6.15
N LEU B 29 -15.11 -17.27 6.73
CA LEU B 29 -15.96 -18.34 6.23
C LEU B 29 -16.33 -18.06 4.79
N GLU B 30 -16.75 -16.83 4.52
CA GLU B 30 -17.20 -16.48 3.18
C GLU B 30 -16.09 -16.61 2.14
N VAL B 31 -14.89 -16.15 2.47
CA VAL B 31 -13.75 -16.26 1.53
C VAL B 31 -13.42 -17.74 1.25
N LEU B 32 -13.44 -18.55 2.30
CA LEU B 32 -13.22 -19.98 2.15
C LEU B 32 -14.29 -20.62 1.27
N ARG B 33 -15.55 -20.30 1.53
CA ARG B 33 -16.66 -20.79 0.70
C ARG B 33 -16.37 -20.48 -0.76
N LEU B 34 -16.02 -19.23 -1.04
CA LEU B 34 -15.69 -18.83 -2.41
C LEU B 34 -14.48 -19.63 -2.98
N MET B 35 -13.44 -19.82 -2.17
CA MET B 35 -12.28 -20.62 -2.60
C MET B 35 -12.71 -22.02 -3.05
N SER B 36 -13.57 -22.65 -2.26
CA SER B 36 -14.01 -24.01 -2.52
C SER B 36 -14.89 -24.17 -3.77
N LEU B 37 -15.55 -23.10 -4.22
CA LEU B 37 -16.37 -23.19 -5.44
C LEU B 37 -15.58 -22.99 -6.72
N GLN B 38 -14.32 -22.59 -6.61
CA GLN B 38 -13.44 -22.44 -7.78
C GLN B 38 -12.99 -23.78 -8.33
N ASP B 39 -12.94 -23.88 -9.66
CA ASP B 39 -12.35 -25.04 -10.31
C ASP B 39 -10.95 -25.25 -9.77
N GLY B 40 -10.09 -24.26 -9.98
CA GLY B 40 -8.74 -24.28 -9.45
C GLY B 40 -8.36 -22.99 -8.75
N ALA B 41 -7.38 -22.31 -9.34
CA ALA B 41 -6.71 -21.18 -8.71
C ALA B 41 -7.35 -19.84 -9.07
N ILE B 42 -7.26 -18.90 -8.15
CA ILE B 42 -7.85 -17.57 -8.35
C ILE B 42 -6.93 -16.53 -7.73
N SER B 43 -6.76 -15.43 -8.46
CA SER B 43 -5.98 -14.31 -7.97
C SER B 43 -6.75 -13.65 -6.83
N ALA B 44 -5.99 -13.02 -5.94
CA ALA B 44 -6.52 -12.28 -4.82
C ALA B 44 -7.55 -11.22 -5.22
N TYR B 45 -7.33 -10.56 -6.34
CA TYR B 45 -8.25 -9.49 -6.80
C TYR B 45 -9.50 -10.02 -7.52
N ASP B 46 -9.38 -11.15 -8.21
CA ASP B 46 -10.57 -11.83 -8.73
C ASP B 46 -11.40 -12.35 -7.57
N LEU B 47 -10.72 -12.78 -6.51
CA LEU B 47 -11.40 -13.26 -5.31
C LEU B 47 -12.09 -12.11 -4.55
N LEU B 48 -11.48 -10.93 -4.58
CA LEU B 48 -12.07 -9.73 -3.98
C LEU B 48 -13.37 -9.34 -4.69
N ASP B 49 -13.37 -9.35 -6.01
CA ASP B 49 -14.59 -9.07 -6.77
C ASP B 49 -15.73 -9.99 -6.39
N LEU B 50 -15.42 -11.28 -6.19
CA LEU B 50 -16.41 -12.24 -5.76
C LEU B 50 -16.86 -11.90 -4.33
N LEU B 51 -15.91 -11.59 -3.45
CA LEU B 51 -16.24 -11.23 -2.07
C LEU B 51 -17.15 -10.00 -2.00
N ARG B 52 -16.94 -9.05 -2.91
CA ARG B 52 -17.76 -7.84 -2.97
C ARG B 52 -19.25 -8.10 -3.19
N GLU B 53 -19.59 -9.22 -3.82
CA GLU B 53 -21.00 -9.55 -4.06
C GLU B 53 -21.75 -9.77 -2.75
N ALA B 54 -21.07 -10.34 -1.76
CA ALA B 54 -21.65 -10.55 -0.46
C ALA B 54 -21.29 -9.42 0.52
N GLU B 55 -20.12 -8.81 0.31
CA GLU B 55 -19.62 -7.73 1.16
C GLU B 55 -19.15 -6.57 0.29
N PRO B 56 -20.09 -5.73 -0.16
CA PRO B 56 -19.83 -4.61 -1.08
C PRO B 56 -18.71 -3.68 -0.65
N GLN B 57 -18.48 -3.58 0.66
CA GLN B 57 -17.42 -2.72 1.22
C GLN B 57 -16.01 -3.32 1.19
N ALA B 58 -15.90 -4.57 0.74
CA ALA B 58 -14.62 -5.27 0.83
C ALA B 58 -13.57 -4.56 0.00
N LYS B 59 -12.38 -4.43 0.56
CA LYS B 59 -11.27 -3.78 -0.12
C LYS B 59 -10.05 -4.70 -0.08
N PRO B 60 -8.93 -4.32 -0.71
CA PRO B 60 -7.78 -5.22 -0.75
C PRO B 60 -7.27 -5.77 0.58
N PRO B 61 -7.12 -4.93 1.61
CA PRO B 61 -6.73 -5.52 2.88
C PRO B 61 -7.70 -6.62 3.32
N THR B 62 -8.97 -6.51 2.96
CA THR B 62 -9.96 -7.47 3.45
C THR B 62 -9.63 -8.87 2.94
N VAL B 63 -9.38 -8.97 1.65
CA VAL B 63 -9.07 -10.26 1.06
C VAL B 63 -7.67 -10.75 1.44
N TYR B 64 -6.73 -9.84 1.63
CA TYR B 64 -5.39 -10.26 2.07
C TYR B 64 -5.38 -10.77 3.51
N ARG B 65 -6.10 -10.15 4.43
CA ARG B 65 -6.21 -10.71 5.78
C ARG B 65 -6.82 -12.10 5.80
N ALA B 66 -7.88 -12.29 5.04
CA ALA B 66 -8.58 -13.56 5.05
C ALA B 66 -7.68 -14.63 4.41
N LEU B 67 -6.94 -14.27 3.37
CA LEU B 67 -6.01 -15.22 2.78
C LEU B 67 -4.89 -15.58 3.74
N ASP B 68 -4.39 -14.59 4.48
CA ASP B 68 -3.35 -14.84 5.46
C ASP B 68 -3.81 -15.83 6.52
N PHE B 69 -5.00 -15.62 7.04
CA PHE B 69 -5.57 -16.55 7.99
C PHE B 69 -5.70 -17.96 7.40
N LEU B 70 -6.30 -18.04 6.22
CA LEU B 70 -6.53 -19.32 5.60
C LEU B 70 -5.21 -20.00 5.23
N LEU B 71 -4.17 -19.21 4.99
CA LEU B 71 -2.80 -19.72 4.79
C LEU B 71 -2.17 -20.18 6.09
N GLU B 72 -2.25 -19.38 7.16
CA GLU B 72 -1.72 -19.78 8.48
C GLU B 72 -2.26 -21.17 8.85
N GLN B 73 -3.58 -21.31 8.82
CA GLN B 73 -4.22 -22.61 8.95
C GLN B 73 -3.90 -23.36 7.66
N GLY B 74 -4.28 -24.61 7.54
CA GLY B 74 -3.85 -25.36 6.35
C GLY B 74 -4.80 -25.30 5.15
N PHE B 75 -5.67 -24.29 5.08
CA PHE B 75 -6.81 -24.35 4.18
C PHE B 75 -6.55 -23.97 2.74
N VAL B 76 -5.63 -23.03 2.49
CA VAL B 76 -5.28 -22.68 1.10
C VAL B 76 -3.77 -22.67 0.89
N HIS B 77 -3.34 -22.88 -0.36
CA HIS B 77 -1.94 -22.79 -0.75
C HIS B 77 -1.76 -21.63 -1.70
N LYS B 78 -0.60 -20.98 -1.61
CA LYS B 78 -0.23 -19.98 -2.59
C LYS B 78 0.51 -20.66 -3.74
N VAL B 79 0.07 -20.41 -4.97
CA VAL B 79 0.78 -20.80 -6.16
C VAL B 79 1.69 -19.64 -6.49
N GLU B 80 2.97 -19.81 -6.21
CA GLU B 80 3.95 -18.73 -6.29
C GLU B 80 4.24 -18.30 -7.71
N SER B 81 4.26 -19.24 -8.64
CA SER B 81 4.67 -18.91 -10.00
C SER B 81 3.59 -18.18 -10.80
N THR B 82 2.35 -18.26 -10.33
CA THR B 82 1.26 -17.49 -10.97
C THR B 82 0.63 -16.45 -10.04
N ASN B 83 1.16 -16.29 -8.83
CA ASN B 83 0.62 -15.33 -7.85
C ASN B 83 -0.87 -15.52 -7.61
N SER B 84 -1.26 -16.73 -7.26
CA SER B 84 -2.66 -17.03 -7.03
C SER B 84 -2.78 -18.04 -5.90
N TYR B 85 -4.01 -18.43 -5.61
CA TYR B 85 -4.32 -19.21 -4.41
C TYR B 85 -5.30 -20.31 -4.76
N VAL B 86 -5.09 -21.47 -4.14
CA VAL B 86 -5.99 -22.59 -4.31
C VAL B 86 -6.36 -23.15 -2.97
N LEU B 87 -7.54 -23.74 -2.92
CA LEU B 87 -7.96 -24.55 -1.80
C LEU B 87 -7.03 -25.76 -1.68
N CYS B 88 -6.70 -26.15 -0.46
CA CYS B 88 -5.97 -27.39 -0.24
C CYS B 88 -6.93 -28.57 -0.41
N HIS B 89 -6.48 -29.60 -1.11
CA HIS B 89 -7.31 -30.80 -1.37
C HIS B 89 -7.71 -31.55 -0.08
N LEU B 90 -6.78 -31.71 0.86
CA LEU B 90 -7.07 -32.36 2.15
C LEU B 90 -6.56 -31.57 3.34
N PHE B 91 -7.49 -30.97 4.11
CA PHE B 91 -7.13 -30.27 5.35
C PHE B 91 -6.69 -31.23 6.44
N ASP B 92 -7.03 -32.51 6.28
CA ASP B 92 -6.80 -33.55 7.28
C ASP B 92 -5.34 -33.64 7.71
N GLN B 93 -4.45 -33.63 6.73
CA GLN B 93 -3.01 -33.67 6.98
C GLN B 93 -2.57 -32.46 7.80
N PRO B 94 -1.38 -32.56 8.44
CA PRO B 94 -0.78 -31.38 9.07
C PRO B 94 -0.18 -30.49 7.97
N THR B 95 0.97 -29.85 8.22
CA THR B 95 1.72 -29.23 7.14
C THR B 95 2.14 -30.33 6.14
N HIS B 96 2.24 -29.95 4.86
CA HIS B 96 2.68 -30.89 3.84
C HIS B 96 3.30 -30.20 2.63
N THR B 97 4.32 -30.85 2.07
CA THR B 97 4.86 -30.48 0.77
C THR B 97 3.93 -31.08 -0.28
N SER B 98 3.54 -30.25 -1.24
CA SER B 98 2.56 -30.63 -2.25
C SER B 98 2.96 -30.15 -3.63
N ALA B 99 2.93 -31.05 -4.61
CA ALA B 99 3.31 -30.71 -5.98
C ALA B 99 2.10 -30.14 -6.72
N MET B 100 2.33 -29.10 -7.49
CA MET B 100 1.25 -28.35 -8.11
C MET B 100 1.44 -28.42 -9.59
N PHE B 101 0.43 -28.97 -10.27
CA PHE B 101 0.48 -29.07 -11.70
C PHE B 101 -0.45 -28.04 -12.30
N ILE B 102 0.12 -27.11 -13.04
CA ILE B 102 -0.54 -25.89 -13.45
C ILE B 102 -0.64 -25.89 -14.96
N CYS B 103 -1.85 -25.86 -15.49
CA CYS B 103 -2.06 -25.78 -16.93
C CYS B 103 -2.01 -24.32 -17.38
N ASP B 104 -1.15 -24.03 -18.35
CA ASP B 104 -1.00 -22.68 -18.90
C ASP B 104 -1.98 -22.36 -20.05
N ARG B 105 -3.04 -23.15 -20.18
CA ARG B 105 -4.09 -22.84 -21.15
C ARG B 105 -5.36 -22.58 -20.37
N CYS B 106 -5.92 -23.62 -19.76
CA CYS B 106 -7.19 -23.49 -19.06
C CYS B 106 -7.01 -22.95 -17.64
N GLY B 107 -5.76 -22.82 -17.19
CA GLY B 107 -5.46 -22.22 -15.89
C GLY B 107 -5.69 -23.12 -14.68
N ALA B 108 -6.09 -24.37 -14.91
CA ALA B 108 -6.39 -25.28 -13.78
C ALA B 108 -5.13 -25.74 -13.09
N VAL B 109 -5.31 -26.18 -11.85
CA VAL B 109 -4.21 -26.58 -11.00
C VAL B 109 -4.64 -27.83 -10.25
N LYS B 110 -3.71 -28.78 -10.12
CA LYS B 110 -3.97 -30.06 -9.49
C LYS B 110 -2.92 -30.33 -8.43
N GLU B 111 -3.34 -30.54 -7.19
CA GLU B 111 -2.42 -30.72 -6.07
C GLU B 111 -2.15 -32.21 -5.88
N GLU B 112 -0.87 -32.57 -5.86
CA GLU B 112 -0.46 -33.94 -5.67
C GLU B 112 0.52 -34.04 -4.51
N CYS B 113 0.60 -35.22 -3.92
CA CYS B 113 1.64 -35.49 -2.94
C CYS B 113 2.90 -36.01 -3.62
N ALA B 114 4.00 -35.93 -2.90
CA ALA B 114 5.28 -36.51 -3.32
C ALA B 114 6.21 -36.47 -2.13
N GLU B 115 6.01 -37.41 -1.21
CA GLU B 115 6.83 -37.49 0.00
C GLU B 115 8.27 -37.85 -0.36
N GLY B 116 8.44 -38.48 -1.53
CA GLY B 116 9.76 -38.68 -2.12
C GLY B 116 10.47 -37.35 -2.31
N VAL B 117 9.74 -36.34 -2.77
CA VAL B 117 10.31 -35.02 -3.03
C VAL B 117 10.73 -34.34 -1.72
N GLU B 118 9.88 -34.40 -0.70
CA GLU B 118 10.24 -33.88 0.62
C GLU B 118 11.60 -34.45 1.01
N ASP B 119 11.73 -35.78 0.95
CA ASP B 119 12.96 -36.46 1.34
C ASP B 119 14.15 -36.01 0.51
N ILE B 120 14.00 -35.94 -0.81
CA ILE B 120 15.12 -35.55 -1.66
C ILE B 120 15.62 -34.15 -1.27
N MET B 121 14.68 -33.22 -1.05
CA MET B 121 15.01 -31.85 -0.70
C MET B 121 15.64 -31.75 0.70
N HIS B 122 15.18 -32.58 1.63
CA HIS B 122 15.70 -32.60 2.99
C HIS B 122 17.14 -33.12 3.04
N THR B 123 17.43 -34.08 2.18
CA THR B 123 18.77 -34.65 2.03
C THR B 123 19.72 -33.63 1.42
N LEU B 124 19.23 -32.90 0.42
CA LEU B 124 20.04 -31.93 -0.31
C LEU B 124 20.38 -30.72 0.57
N ALA B 125 19.37 -30.25 1.31
CA ALA B 125 19.54 -29.19 2.30
C ALA B 125 20.46 -29.63 3.44
N ALA B 126 20.38 -30.90 3.82
CA ALA B 126 21.22 -31.43 4.89
C ALA B 126 22.69 -31.48 4.50
N LYS B 127 22.98 -31.77 3.23
CA LYS B 127 24.37 -31.80 2.75
C LYS B 127 25.03 -30.46 3.02
N MET B 128 24.53 -29.40 2.38
CA MET B 128 24.85 -28.04 2.77
C MET B 128 24.22 -27.83 4.16
N GLY B 129 24.47 -26.71 4.82
CA GLY B 129 23.99 -26.58 6.21
C GLY B 129 22.55 -26.10 6.36
N PHE B 130 21.77 -26.23 5.29
CA PHE B 130 20.53 -25.46 5.11
C PHE B 130 19.42 -25.99 6.01
N ALA B 131 18.75 -25.10 6.73
CA ALA B 131 17.60 -25.48 7.56
C ALA B 131 16.29 -25.23 6.81
N LEU B 132 15.73 -26.30 6.25
CA LEU B 132 14.56 -26.24 5.39
C LEU B 132 13.28 -25.95 6.17
N ARG B 133 12.47 -25.02 5.68
CA ARG B 133 11.15 -24.78 6.26
C ARG B 133 10.04 -25.19 5.28
N HIS B 134 10.07 -24.65 4.07
CA HIS B 134 9.02 -24.90 3.09
C HIS B 134 9.62 -25.21 1.73
N ASN B 135 8.91 -26.02 0.96
CA ASN B 135 9.26 -26.29 -0.42
C ASN B 135 8.20 -25.70 -1.34
N VAL B 136 8.66 -25.16 -2.46
CA VAL B 136 7.78 -24.63 -3.50
C VAL B 136 8.07 -25.49 -4.72
N ILE B 137 7.06 -26.24 -5.15
CA ILE B 137 7.23 -27.24 -6.19
C ILE B 137 6.04 -27.15 -7.13
N GLU B 138 6.28 -26.62 -8.32
CA GLU B 138 5.20 -26.30 -9.23
C GLU B 138 5.60 -26.72 -10.62
N ALA B 139 4.70 -27.40 -11.31
CA ALA B 139 4.96 -27.83 -12.68
C ALA B 139 4.07 -27.06 -13.64
N HIS B 140 4.63 -26.66 -14.76
CA HIS B 140 3.89 -25.96 -15.79
C HIS B 140 3.79 -26.80 -17.04
N GLY B 141 2.60 -26.82 -17.63
CA GLY B 141 2.39 -27.56 -18.88
C GLY B 141 1.00 -27.41 -19.43
N LEU B 142 0.49 -28.48 -20.04
CA LEU B 142 -0.91 -28.58 -20.44
C LEU B 142 -1.53 -29.75 -19.70
N CYS B 143 -2.75 -29.59 -19.21
CA CYS B 143 -3.44 -30.69 -18.54
C CYS B 143 -4.00 -31.67 -19.60
N ALA B 144 -4.53 -32.80 -19.14
CA ALA B 144 -5.08 -33.82 -20.05
C ALA B 144 -6.09 -33.21 -21.01
N ALA B 145 -7.11 -32.55 -20.45
CA ALA B 145 -8.13 -31.85 -21.23
C ALA B 145 -7.54 -30.99 -22.36
N CYS B 146 -6.62 -30.10 -22.00
CA CYS B 146 -6.01 -29.20 -23.00
C CYS B 146 -5.23 -29.98 -24.08
N VAL B 147 -4.73 -31.17 -23.74
CA VAL B 147 -4.01 -31.99 -24.71
C VAL B 147 -4.97 -32.52 -25.78
N GLU B 148 -6.10 -33.11 -25.35
CA GLU B 148 -7.14 -33.57 -26.29
C GLU B 148 -7.47 -32.48 -27.28
N VAL B 149 -7.86 -31.32 -26.77
CA VAL B 149 -8.24 -30.18 -27.58
C VAL B 149 -7.12 -29.79 -28.56
N GLU B 150 -5.90 -29.71 -28.05
CA GLU B 150 -4.75 -29.28 -28.86
C GLU B 150 -4.43 -30.29 -29.98
N ALA B 151 -4.76 -31.56 -29.76
CA ALA B 151 -4.59 -32.60 -30.79
C ALA B 151 -5.48 -32.36 -32.03
N CYS B 152 -6.63 -31.73 -31.84
CA CYS B 152 -7.53 -31.38 -32.94
C CYS B 152 -7.16 -30.00 -33.51
N THR C 5 36.72 -12.25 -12.32
CA THR C 5 35.88 -13.32 -12.96
C THR C 5 34.65 -12.80 -13.70
N THR C 6 34.28 -11.53 -13.47
CA THR C 6 33.09 -10.94 -14.10
C THR C 6 33.24 -10.85 -15.62
N GLN C 7 34.43 -10.47 -16.09
CA GLN C 7 34.69 -10.33 -17.52
C GLN C 7 34.68 -11.68 -18.26
N GLU C 8 34.97 -12.76 -17.52
CA GLU C 8 35.09 -14.10 -18.10
C GLU C 8 33.75 -14.58 -18.66
N LEU C 9 32.68 -14.30 -17.91
CA LEU C 9 31.33 -14.72 -18.29
C LEU C 9 30.77 -13.86 -19.42
N LEU C 10 31.12 -12.58 -19.42
CA LEU C 10 30.65 -11.66 -20.45
C LEU C 10 31.13 -12.08 -21.83
N ALA C 11 32.42 -12.40 -21.92
CA ALA C 11 33.02 -12.93 -23.13
C ALA C 11 32.39 -14.28 -23.49
N GLN C 12 32.29 -15.16 -22.50
CA GLN C 12 31.66 -16.47 -22.67
C GLN C 12 30.24 -16.36 -23.21
N ALA C 13 29.51 -15.33 -22.77
CA ALA C 13 28.14 -15.10 -23.21
C ALA C 13 28.05 -14.72 -24.68
N GLU C 14 28.92 -13.80 -25.11
CA GLU C 14 28.98 -13.38 -26.51
C GLU C 14 29.31 -14.56 -27.42
N LYS C 15 30.22 -15.42 -26.95
CA LYS C 15 30.55 -16.67 -27.64
C LYS C 15 29.29 -17.50 -27.92
N ILE C 16 28.44 -17.64 -26.90
CA ILE C 16 27.23 -18.47 -27.01
C ILE C 16 26.14 -17.76 -27.83
N CYS C 17 26.14 -16.44 -27.81
CA CYS C 17 25.21 -15.65 -28.63
C CYS C 17 25.69 -15.46 -30.08
N ALA C 18 26.89 -15.95 -30.38
CA ALA C 18 27.31 -16.14 -31.75
C ALA C 18 26.73 -17.46 -32.26
N GLN C 19 27.05 -18.55 -31.55
CA GLN C 19 26.57 -19.90 -31.91
C GLN C 19 25.07 -19.93 -32.17
N ARG C 20 24.28 -19.54 -31.18
CA ARG C 20 22.86 -19.26 -31.39
C ARG C 20 22.80 -17.88 -32.01
N ASN C 21 22.13 -17.75 -33.15
CA ASN C 21 22.18 -16.51 -33.91
C ASN C 21 21.23 -15.44 -33.32
N VAL C 22 21.62 -14.90 -32.16
CA VAL C 22 20.82 -13.89 -31.45
C VAL C 22 21.69 -12.76 -30.94
N ARG C 23 21.14 -11.55 -30.98
CA ARG C 23 21.93 -10.32 -30.81
C ARG C 23 22.01 -9.85 -29.36
N LEU C 24 23.12 -10.17 -28.70
CA LEU C 24 23.39 -9.66 -27.37
C LEU C 24 23.82 -8.20 -27.43
N THR C 25 22.85 -7.29 -27.30
CA THR C 25 23.09 -5.85 -27.41
C THR C 25 23.83 -5.32 -26.17
N PRO C 26 24.35 -4.07 -26.25
CA PRO C 26 24.96 -3.45 -25.08
C PRO C 26 23.99 -3.33 -23.90
N GLN C 27 22.71 -3.10 -24.23
CA GLN C 27 21.63 -3.05 -23.24
C GLN C 27 21.56 -4.35 -22.46
N ARG C 28 21.41 -5.47 -23.17
CA ARG C 28 21.35 -6.79 -22.56
C ARG C 28 22.66 -7.15 -21.86
N LEU C 29 23.78 -6.84 -22.50
CA LEU C 29 25.09 -7.09 -21.91
C LEU C 29 25.24 -6.35 -20.58
N GLU C 30 24.84 -5.09 -20.57
CA GLU C 30 24.95 -4.26 -19.37
C GLU C 30 24.17 -4.86 -18.21
N VAL C 31 22.97 -5.33 -18.49
CA VAL C 31 22.15 -5.98 -17.48
C VAL C 31 22.84 -7.25 -17.01
N LEU C 32 23.36 -8.04 -17.95
CA LEU C 32 24.11 -9.24 -17.60
C LEU C 32 25.33 -8.93 -16.75
N ARG C 33 26.01 -7.83 -17.07
CA ARG C 33 27.14 -7.37 -16.27
C ARG C 33 26.72 -7.06 -14.84
N LEU C 34 25.61 -6.32 -14.72
CA LEU C 34 25.11 -5.89 -13.41
C LEU C 34 24.62 -7.08 -12.59
N MET C 35 23.97 -8.04 -13.25
CA MET C 35 23.58 -9.30 -12.61
C MET C 35 24.79 -10.01 -12.04
N SER C 36 25.88 -10.04 -12.83
CA SER C 36 27.12 -10.69 -12.44
C SER C 36 27.77 -10.03 -11.23
N LEU C 37 27.88 -8.71 -11.25
CA LEU C 37 28.49 -7.97 -10.12
C LEU C 37 27.74 -8.18 -8.81
N GLN C 38 26.43 -8.41 -8.90
CA GLN C 38 25.62 -8.77 -7.74
C GLN C 38 25.94 -10.21 -7.34
N ASP C 39 26.23 -10.44 -6.06
CA ASP C 39 26.52 -11.80 -5.58
C ASP C 39 25.28 -12.42 -4.94
N GLY C 40 24.18 -12.44 -5.69
CA GLY C 40 22.91 -12.97 -5.18
C GLY C 40 21.73 -12.54 -6.03
N ALA C 41 20.53 -12.88 -5.56
CA ALA C 41 19.30 -12.54 -6.27
C ALA C 41 19.09 -11.03 -6.27
N ILE C 42 18.32 -10.55 -7.24
CA ILE C 42 17.98 -9.14 -7.30
C ILE C 42 16.63 -8.90 -7.99
N SER C 43 15.88 -7.92 -7.47
CA SER C 43 14.60 -7.54 -8.02
C SER C 43 14.79 -6.76 -9.31
N ALA C 44 13.80 -6.79 -10.18
CA ALA C 44 13.85 -6.08 -11.43
C ALA C 44 14.05 -4.58 -11.21
N TYR C 45 13.33 -4.01 -10.25
CA TYR C 45 13.41 -2.56 -10.01
C TYR C 45 14.71 -2.16 -9.31
N ASP C 46 15.29 -3.03 -8.48
CA ASP C 46 16.65 -2.76 -7.95
C ASP C 46 17.67 -2.83 -9.10
N LEU C 47 17.44 -3.76 -10.01
CA LEU C 47 18.24 -3.85 -11.21
C LEU C 47 18.06 -2.61 -12.07
N LEU C 48 16.85 -2.06 -12.11
CA LEU C 48 16.59 -0.84 -12.87
C LEU C 48 17.40 0.34 -12.31
N ASP C 49 17.39 0.52 -11.00
CA ASP C 49 18.20 1.55 -10.33
C ASP C 49 19.67 1.49 -10.74
N LEU C 50 20.23 0.27 -10.80
CA LEU C 50 21.64 0.09 -11.17
C LEU C 50 21.88 0.37 -12.64
N LEU C 51 20.93 -0.01 -13.49
CA LEU C 51 21.03 0.27 -14.92
C LEU C 51 20.96 1.77 -15.21
N ARG C 52 20.25 2.51 -14.36
CA ARG C 52 20.06 3.95 -14.53
C ARG C 52 21.32 4.78 -14.31
N GLU C 53 22.27 4.27 -13.53
CA GLU C 53 23.54 4.97 -13.35
C GLU C 53 24.31 4.98 -14.68
N ALA C 54 24.33 3.84 -15.37
CA ALA C 54 24.91 3.76 -16.71
C ALA C 54 24.03 4.44 -17.76
N GLU C 55 22.71 4.24 -17.67
CA GLU C 55 21.77 4.71 -18.72
C GLU C 55 20.52 5.36 -18.10
N PRO C 56 20.66 6.62 -17.63
CA PRO C 56 19.63 7.31 -16.84
C PRO C 56 18.20 7.32 -17.41
N GLN C 57 18.04 7.12 -18.71
CA GLN C 57 16.71 7.11 -19.31
C GLN C 57 16.07 5.72 -19.36
N ALA C 58 16.68 4.74 -18.70
CA ALA C 58 16.13 3.38 -18.65
C ALA C 58 14.85 3.32 -17.81
N LYS C 59 13.91 2.49 -18.24
CA LYS C 59 12.60 2.38 -17.59
C LYS C 59 12.19 0.92 -17.45
N PRO C 60 11.10 0.65 -16.73
CA PRO C 60 10.80 -0.76 -16.49
C PRO C 60 10.78 -1.66 -17.73
N PRO C 61 10.23 -1.19 -18.86
CA PRO C 61 10.26 -2.09 -20.01
C PRO C 61 11.68 -2.46 -20.43
N THR C 62 12.59 -1.49 -20.35
CA THR C 62 14.00 -1.70 -20.64
C THR C 62 14.54 -2.94 -19.95
N VAL C 63 14.37 -2.98 -18.63
CA VAL C 63 14.93 -4.06 -17.82
C VAL C 63 14.20 -5.38 -18.04
N TYR C 64 12.88 -5.33 -18.26
CA TYR C 64 12.12 -6.55 -18.44
C TYR C 64 12.40 -7.20 -19.77
N ARG C 65 12.48 -6.41 -20.84
CA ARG C 65 12.84 -6.95 -22.15
C ARG C 65 14.20 -7.64 -22.07
N ALA C 66 15.16 -6.98 -21.43
CA ALA C 66 16.48 -7.55 -21.20
C ALA C 66 16.38 -8.88 -20.46
N LEU C 67 15.68 -8.87 -19.32
CA LEU C 67 15.53 -10.07 -18.51
C LEU C 67 14.86 -11.20 -19.30
N ASP C 68 13.87 -10.85 -20.11
CA ASP C 68 13.16 -11.84 -20.92
C ASP C 68 14.13 -12.57 -21.86
N PHE C 69 15.01 -11.80 -22.50
CA PHE C 69 16.07 -12.33 -23.34
C PHE C 69 17.02 -13.23 -22.55
N LEU C 70 17.56 -12.70 -21.45
CA LEU C 70 18.52 -13.46 -20.63
C LEU C 70 17.89 -14.73 -20.05
N LEU C 71 16.59 -14.67 -19.77
CA LEU C 71 15.84 -15.84 -19.32
C LEU C 71 15.66 -16.88 -20.42
N GLU C 72 15.35 -16.42 -21.64
CA GLU C 72 15.04 -17.35 -22.72
C GLU C 72 16.28 -18.06 -23.23
N GLN C 73 17.42 -17.39 -23.18
CA GLN C 73 18.71 -18.04 -23.28
C GLN C 73 18.93 -18.77 -21.95
N GLY C 74 20.16 -19.11 -21.60
CA GLY C 74 20.38 -19.87 -20.36
C GLY C 74 20.78 -19.03 -19.17
N PHE C 75 20.90 -17.73 -19.35
CA PHE C 75 21.78 -16.92 -18.50
C PHE C 75 21.26 -16.60 -17.10
N VAL C 76 19.95 -16.38 -16.97
CA VAL C 76 19.38 -16.05 -15.66
C VAL C 76 18.15 -16.89 -15.37
N HIS C 77 17.95 -17.17 -14.09
CA HIS C 77 16.76 -17.88 -13.61
C HIS C 77 15.88 -16.92 -12.82
N LYS C 78 14.57 -17.06 -12.97
CA LYS C 78 13.63 -16.34 -12.11
C LYS C 78 13.46 -17.12 -10.82
N VAL C 79 13.45 -16.41 -9.70
CA VAL C 79 13.06 -17.02 -8.45
C VAL C 79 11.62 -16.61 -8.23
N GLU C 80 10.70 -17.54 -8.49
CA GLU C 80 9.27 -17.24 -8.53
C GLU C 80 8.73 -16.82 -7.17
N SER C 81 9.21 -17.45 -6.10
CA SER C 81 8.67 -17.21 -4.77
C SER C 81 9.16 -15.93 -4.07
N THR C 82 10.07 -15.20 -4.72
CA THR C 82 10.54 -13.90 -4.22
C THR C 82 10.46 -12.81 -5.28
N ASN C 83 9.95 -13.14 -6.46
CA ASN C 83 9.93 -12.22 -7.59
C ASN C 83 11.27 -11.54 -7.79
N SER C 84 12.28 -12.35 -8.07
CA SER C 84 13.61 -11.83 -8.27
C SER C 84 14.35 -12.72 -9.26
N TYR C 85 15.56 -12.30 -9.60
CA TYR C 85 16.30 -12.90 -10.70
C TYR C 85 17.71 -13.17 -10.24
N VAL C 86 18.22 -14.32 -10.68
CA VAL C 86 19.54 -14.76 -10.27
C VAL C 86 20.28 -15.28 -11.48
N LEU C 87 21.56 -14.96 -11.53
CA LEU C 87 22.44 -15.45 -12.58
C LEU C 87 22.60 -16.96 -12.43
N CYS C 88 22.72 -17.64 -13.56
CA CYS C 88 22.84 -19.09 -13.54
C CYS C 88 24.19 -19.51 -12.95
N HIS C 89 24.23 -20.70 -12.36
CA HIS C 89 25.45 -21.22 -11.73
C HIS C 89 26.57 -21.36 -12.77
N LEU C 90 26.26 -22.07 -13.86
CA LEU C 90 27.09 -22.06 -15.06
C LEU C 90 26.24 -22.52 -16.24
N PHE C 91 26.39 -21.82 -17.38
CA PHE C 91 25.48 -21.99 -18.52
C PHE C 91 26.14 -22.62 -19.75
N ASP C 92 27.16 -23.45 -19.53
CA ASP C 92 27.72 -24.31 -20.57
C ASP C 92 26.93 -25.63 -20.63
N GLN C 93 26.22 -25.94 -19.55
CA GLN C 93 25.38 -27.14 -19.46
C GLN C 93 24.10 -26.99 -20.28
N PRO C 94 23.48 -28.12 -20.65
CA PRO C 94 22.23 -28.04 -21.41
C PRO C 94 21.08 -27.55 -20.52
N THR C 95 20.14 -26.83 -21.12
CA THR C 95 19.04 -26.21 -20.38
C THR C 95 18.55 -27.14 -19.27
N HIS C 96 18.81 -26.72 -18.03
CA HIS C 96 18.66 -27.56 -16.85
C HIS C 96 17.61 -26.94 -15.96
N THR C 97 17.08 -27.74 -15.04
CA THR C 97 16.13 -27.23 -14.06
C THR C 97 16.86 -27.03 -12.74
N SER C 98 17.00 -25.76 -12.37
CA SER C 98 17.59 -25.37 -11.11
C SER C 98 16.64 -25.69 -9.95
N ALA C 99 17.20 -25.99 -8.79
CA ALA C 99 16.45 -26.04 -7.55
C ALA C 99 17.07 -25.00 -6.62
N MET C 100 16.34 -23.92 -6.35
CA MET C 100 16.89 -22.75 -5.65
C MET C 100 16.63 -22.81 -4.14
N PHE C 101 17.70 -22.87 -3.37
CA PHE C 101 17.62 -22.79 -1.92
C PHE C 101 17.78 -21.35 -1.50
N ILE C 102 16.80 -20.85 -0.76
CA ILE C 102 16.66 -19.42 -0.52
C ILE C 102 16.62 -19.14 0.97
N CYS C 103 17.58 -18.35 1.44
CA CYS C 103 17.64 -17.96 2.85
C CYS C 103 16.69 -16.81 3.15
N ASP C 104 15.75 -17.04 4.05
CA ASP C 104 14.76 -16.03 4.41
C ASP C 104 15.30 -14.92 5.31
N ARG C 105 16.53 -15.08 5.82
CA ARG C 105 17.16 -14.06 6.65
C ARG C 105 18.07 -13.16 5.82
N CYS C 106 19.08 -13.74 5.16
CA CYS C 106 20.07 -12.93 4.45
C CYS C 106 19.80 -12.78 2.95
N GLY C 107 18.82 -13.53 2.44
CA GLY C 107 18.49 -13.49 1.01
C GLY C 107 19.48 -14.18 0.06
N ALA C 108 20.45 -14.91 0.60
CA ALA C 108 21.35 -15.68 -0.24
C ALA C 108 20.56 -16.80 -0.94
N VAL C 109 20.92 -17.07 -2.21
CA VAL C 109 20.28 -18.12 -2.99
C VAL C 109 21.32 -19.09 -3.57
N LYS C 110 21.13 -20.37 -3.30
CA LYS C 110 22.06 -21.41 -3.71
C LYS C 110 21.41 -22.32 -4.78
N GLU C 111 21.91 -22.27 -6.00
CA GLU C 111 21.41 -23.12 -7.08
C GLU C 111 21.98 -24.53 -6.95
N GLU C 112 21.10 -25.51 -6.90
CA GLU C 112 21.50 -26.91 -6.83
C GLU C 112 20.78 -27.68 -7.91
N CYS C 113 21.27 -28.88 -8.18
CA CYS C 113 20.60 -29.79 -9.11
C CYS C 113 19.76 -30.77 -8.29
N ALA C 114 18.59 -31.13 -8.81
CA ALA C 114 17.70 -32.08 -8.13
C ALA C 114 16.95 -32.94 -9.15
N GLU C 115 17.67 -33.77 -9.88
CA GLU C 115 17.07 -34.66 -10.87
C GLU C 115 16.09 -35.63 -10.23
N GLY C 116 16.36 -36.03 -9.00
CA GLY C 116 15.43 -36.86 -8.25
C GLY C 116 14.02 -36.28 -8.22
N VAL C 117 13.93 -34.96 -8.04
CA VAL C 117 12.65 -34.28 -7.93
C VAL C 117 12.00 -34.17 -9.31
N GLU C 118 12.78 -33.78 -10.31
CA GLU C 118 12.29 -33.71 -11.68
C GLU C 118 11.81 -35.08 -12.18
N ASP C 119 12.60 -36.12 -11.95
CA ASP C 119 12.20 -37.50 -12.27
C ASP C 119 10.81 -37.82 -11.68
N ILE C 120 10.64 -37.57 -10.38
CA ILE C 120 9.37 -37.82 -9.72
C ILE C 120 8.23 -37.02 -10.35
N MET C 121 8.52 -35.77 -10.69
CA MET C 121 7.51 -34.87 -11.25
C MET C 121 7.04 -35.40 -12.60
N HIS C 122 7.98 -35.76 -13.46
CA HIS C 122 7.66 -36.33 -14.76
C HIS C 122 6.83 -37.62 -14.65
N THR C 123 7.07 -38.42 -13.61
CA THR C 123 6.29 -39.63 -13.41
C THR C 123 4.88 -39.29 -12.96
N LEU C 124 4.74 -38.34 -12.04
CA LEU C 124 3.41 -37.88 -11.62
C LEU C 124 2.62 -37.32 -12.80
N ALA C 125 3.25 -36.46 -13.59
CA ALA C 125 2.59 -35.92 -14.78
C ALA C 125 2.18 -37.05 -15.72
N ALA C 126 3.08 -38.00 -15.95
CA ALA C 126 2.83 -39.10 -16.88
C ALA C 126 1.53 -39.85 -16.55
N LYS C 127 1.28 -40.10 -15.27
CA LYS C 127 0.09 -40.81 -14.82
C LYS C 127 -1.21 -40.02 -15.01
N MET C 128 -1.12 -38.70 -14.87
CA MET C 128 -2.16 -37.79 -15.36
C MET C 128 -1.92 -37.69 -16.86
N GLY C 129 -2.67 -36.86 -17.56
CA GLY C 129 -2.39 -36.69 -18.98
C GLY C 129 -1.51 -35.48 -19.23
N PHE C 130 -0.64 -35.18 -18.27
CA PHE C 130 -0.07 -33.85 -18.20
C PHE C 130 1.21 -33.75 -19.02
N ALA C 131 1.19 -32.87 -20.03
CA ALA C 131 2.40 -32.53 -20.77
C ALA C 131 3.24 -31.53 -19.99
N LEU C 132 4.29 -32.02 -19.30
CA LEU C 132 5.09 -31.18 -18.39
C LEU C 132 6.15 -30.39 -19.14
N ARG C 133 6.02 -29.06 -19.14
CA ARG C 133 6.91 -28.20 -19.91
C ARG C 133 8.08 -27.66 -19.08
N HIS C 134 7.83 -27.31 -17.82
CA HIS C 134 8.86 -26.75 -16.95
C HIS C 134 8.49 -26.93 -15.49
N ASN C 135 9.50 -27.22 -14.68
CA ASN C 135 9.35 -27.36 -13.25
C ASN C 135 9.96 -26.18 -12.49
N VAL C 136 9.26 -25.73 -11.47
CA VAL C 136 9.74 -24.73 -10.55
C VAL C 136 9.97 -25.46 -9.24
N ILE C 137 11.20 -25.39 -8.73
CA ILE C 137 11.61 -26.06 -7.48
C ILE C 137 12.41 -25.08 -6.64
N GLU C 138 11.88 -24.73 -5.47
CA GLU C 138 12.43 -23.68 -4.63
C GLU C 138 12.25 -24.07 -3.17
N ALA C 139 13.30 -23.88 -2.37
CA ALA C 139 13.21 -24.12 -0.93
C ALA C 139 13.48 -22.84 -0.18
N HIS C 140 12.73 -22.62 0.89
CA HIS C 140 12.91 -21.52 1.81
C HIS C 140 13.38 -22.05 3.15
N GLY C 141 14.32 -21.32 3.76
CA GLY C 141 14.79 -21.65 5.09
C GLY C 141 15.95 -20.76 5.48
N LEU C 142 16.88 -21.30 6.28
CA LEU C 142 18.07 -20.59 6.69
C LEU C 142 19.33 -21.26 6.13
N CYS C 143 20.18 -20.46 5.51
CA CYS C 143 21.47 -20.93 5.05
C CYS C 143 22.34 -21.32 6.25
N ALA C 144 23.44 -22.02 5.98
CA ALA C 144 24.33 -22.52 7.05
C ALA C 144 24.81 -21.37 7.93
N ALA C 145 25.30 -20.31 7.29
CA ALA C 145 25.77 -19.13 8.01
C ALA C 145 24.71 -18.63 8.99
N CYS C 146 23.48 -18.46 8.52
CA CYS C 146 22.40 -17.94 9.36
C CYS C 146 22.03 -18.84 10.54
N VAL C 147 22.16 -20.16 10.35
CA VAL C 147 21.93 -21.11 11.44
C VAL C 147 22.89 -20.83 12.60
N GLU C 148 24.16 -20.61 12.29
CA GLU C 148 25.19 -20.35 13.31
C GLU C 148 24.99 -19.00 14.00
N VAL C 149 24.57 -17.99 13.24
CA VAL C 149 24.21 -16.71 13.84
C VAL C 149 23.08 -16.90 14.85
N GLU C 150 22.08 -17.71 14.49
CA GLU C 150 20.93 -17.94 15.37
C GLU C 150 21.24 -18.86 16.55
N ALA C 151 22.25 -19.71 16.39
CA ALA C 151 22.68 -20.61 17.47
C ALA C 151 23.17 -19.86 18.73
N CYS C 152 23.66 -18.64 18.57
CA CYS C 152 24.12 -17.82 19.70
C CYS C 152 22.95 -17.28 20.53
N GLU D 2 4.90 35.47 30.50
CA GLU D 2 5.53 34.13 30.31
C GLU D 2 4.45 33.06 30.18
N LYS D 3 4.45 32.36 29.03
CA LYS D 3 3.42 31.36 28.73
C LYS D 3 3.31 30.24 29.76
N THR D 4 2.16 29.57 29.78
CA THR D 4 1.93 28.43 30.67
C THR D 4 2.91 27.29 30.34
N THR D 5 3.51 26.73 31.39
CA THR D 5 4.43 25.61 31.25
C THR D 5 3.65 24.35 30.91
N THR D 6 4.35 23.36 30.35
CA THR D 6 3.78 22.03 30.13
C THR D 6 3.17 21.46 31.42
N GLN D 7 3.93 21.44 32.51
CA GLN D 7 3.45 20.92 33.79
C GLN D 7 2.20 21.62 34.32
N GLU D 8 2.14 22.92 34.12
CA GLU D 8 0.99 23.72 34.54
C GLU D 8 -0.26 23.37 33.70
N LEU D 9 -0.06 23.06 32.42
CA LEU D 9 -1.14 22.60 31.56
C LEU D 9 -1.73 21.27 32.05
N LEU D 10 -0.90 20.40 32.62
CA LEU D 10 -1.38 19.10 33.12
C LEU D 10 -2.20 19.22 34.39
N ALA D 11 -1.71 20.03 35.33
CA ALA D 11 -2.46 20.35 36.55
C ALA D 11 -3.82 20.93 36.18
N GLN D 12 -3.80 21.91 35.30
CA GLN D 12 -4.99 22.60 34.80
C GLN D 12 -6.00 21.62 34.13
N ALA D 13 -5.48 20.62 33.44
CA ALA D 13 -6.32 19.58 32.83
C ALA D 13 -6.99 18.72 33.89
N GLU D 14 -6.25 18.35 34.93
CA GLU D 14 -6.84 17.55 36.00
C GLU D 14 -7.99 18.30 36.68
N LYS D 15 -7.79 19.59 36.91
CA LYS D 15 -8.76 20.34 37.70
C LYS D 15 -9.98 20.70 36.84
N ILE D 16 -9.74 21.02 35.56
CA ILE D 16 -10.84 21.25 34.64
C ILE D 16 -11.73 20.02 34.51
N CYS D 17 -11.16 18.83 34.38
CA CYS D 17 -11.97 17.63 34.34
C CYS D 17 -12.76 17.40 35.62
N ALA D 18 -12.18 17.73 36.77
CA ALA D 18 -12.92 17.63 38.02
C ALA D 18 -14.06 18.65 38.07
N GLN D 19 -13.84 19.84 37.51
CA GLN D 19 -14.85 20.89 37.49
C GLN D 19 -16.01 20.50 36.58
N ARG D 20 -15.69 20.05 35.38
CA ARG D 20 -16.67 19.33 34.58
C ARG D 20 -16.79 18.03 35.34
N ASN D 21 -17.74 17.17 35.03
CA ASN D 21 -17.74 15.91 35.77
C ASN D 21 -17.32 14.84 34.82
N VAL D 22 -16.05 14.94 34.42
CA VAL D 22 -15.48 13.99 33.47
C VAL D 22 -14.24 13.35 34.04
N ARG D 23 -13.96 12.13 33.60
CA ARG D 23 -12.98 11.28 34.25
C ARG D 23 -11.66 11.27 33.53
N LEU D 24 -10.69 12.01 34.06
CA LEU D 24 -9.34 12.00 33.52
C LEU D 24 -8.59 10.79 34.05
N THR D 25 -8.85 9.63 33.45
CA THR D 25 -8.32 8.35 33.92
C THR D 25 -6.80 8.25 33.79
N PRO D 26 -6.20 7.26 34.44
CA PRO D 26 -4.77 7.01 34.31
C PRO D 26 -4.31 6.90 32.86
N GLN D 27 -5.05 6.17 32.03
CA GLN D 27 -4.73 6.06 30.60
C GLN D 27 -4.76 7.42 29.93
N ARG D 28 -5.87 8.12 30.09
CA ARG D 28 -6.06 9.40 29.42
C ARG D 28 -5.01 10.40 29.92
N LEU D 29 -4.68 10.29 31.19
CA LEU D 29 -3.63 11.12 31.78
C LEU D 29 -2.26 10.78 31.20
N GLU D 30 -1.95 9.49 31.16
CA GLU D 30 -0.68 9.03 30.60
C GLU D 30 -0.54 9.45 29.14
N VAL D 31 -1.63 9.33 28.38
CA VAL D 31 -1.61 9.73 26.99
C VAL D 31 -1.34 11.22 26.91
N LEU D 32 -1.99 11.98 27.77
CA LEU D 32 -1.83 13.42 27.81
C LEU D 32 -0.37 13.82 28.07
N ARG D 33 0.26 13.22 29.07
CA ARG D 33 1.63 13.60 29.39
C ARG D 33 2.60 13.24 28.28
N LEU D 34 2.42 12.05 27.69
CA LEU D 34 3.27 11.62 26.56
C LEU D 34 3.25 12.63 25.43
N MET D 35 2.09 13.22 25.18
CA MET D 35 1.95 14.23 24.14
C MET D 35 2.60 15.54 24.55
N SER D 36 2.53 15.86 25.83
CA SER D 36 3.18 17.08 26.34
C SER D 36 4.70 17.01 26.21
N LEU D 37 5.25 15.79 26.30
CA LEU D 37 6.69 15.59 26.11
C LEU D 37 7.16 15.83 24.67
N GLN D 38 6.25 15.74 23.70
CA GLN D 38 6.63 15.93 22.29
C GLN D 38 6.91 17.39 22.00
N ASP D 39 7.89 17.62 21.13
CA ASP D 39 8.25 18.98 20.71
C ASP D 39 7.48 19.37 19.45
N GLY D 40 6.22 18.95 19.38
CA GLY D 40 5.41 19.09 18.17
C GLY D 40 4.39 17.96 18.06
N ALA D 41 3.77 17.84 16.88
CA ALA D 41 2.72 16.87 16.65
C ALA D 41 3.24 15.44 16.66
N ILE D 42 2.32 14.50 16.84
CA ILE D 42 2.65 13.09 16.86
C ILE D 42 1.48 12.26 16.34
N SER D 43 1.79 11.21 15.59
CA SER D 43 0.79 10.32 15.00
C SER D 43 0.25 9.39 16.07
N ALA D 44 -0.94 8.87 15.85
CA ALA D 44 -1.58 7.96 16.79
C ALA D 44 -0.76 6.70 17.04
N TYR D 45 -0.20 6.10 15.99
CA TYR D 45 0.58 4.87 16.16
C TYR D 45 1.98 5.10 16.72
N ASP D 46 2.56 6.27 16.50
CA ASP D 46 3.78 6.64 17.25
C ASP D 46 3.45 6.81 18.72
N LEU D 47 2.30 7.40 18.99
CA LEU D 47 1.82 7.57 20.36
C LEU D 47 1.53 6.23 21.03
N LEU D 48 0.93 5.32 20.27
CA LEU D 48 0.67 3.97 20.75
C LEU D 48 1.97 3.28 21.16
N ASP D 49 3.01 3.44 20.35
CA ASP D 49 4.34 2.86 20.64
C ASP D 49 4.93 3.40 21.95
N LEU D 50 4.82 4.70 22.18
CA LEU D 50 5.27 5.27 23.46
C LEU D 50 4.45 4.72 24.62
N LEU D 51 3.14 4.60 24.41
CA LEU D 51 2.25 4.08 25.44
C LEU D 51 2.62 2.64 25.81
N ARG D 52 3.07 1.86 24.83
CA ARG D 52 3.42 0.44 25.05
C ARG D 52 4.54 0.24 26.06
N GLU D 53 5.49 1.16 26.08
CA GLU D 53 6.65 1.06 26.98
C GLU D 53 6.21 0.98 28.45
N ALA D 54 5.11 1.63 28.79
CA ALA D 54 4.50 1.55 30.12
C ALA D 54 3.41 0.47 30.15
N GLU D 55 2.46 0.56 29.21
CA GLU D 55 1.34 -0.38 29.13
C GLU D 55 1.45 -1.28 27.90
N PRO D 56 2.26 -2.35 27.98
CA PRO D 56 2.52 -3.21 26.80
C PRO D 56 1.26 -3.78 26.14
N GLN D 57 0.19 -3.93 26.90
CA GLN D 57 -1.08 -4.45 26.38
C GLN D 57 -1.94 -3.42 25.62
N ALA D 58 -1.43 -2.21 25.41
CA ALA D 58 -2.18 -1.16 24.71
C ALA D 58 -2.32 -1.46 23.20
N LYS D 59 -3.53 -1.25 22.69
CA LYS D 59 -3.85 -1.45 21.28
C LYS D 59 -4.33 -0.11 20.71
N PRO D 60 -4.59 -0.04 19.39
CA PRO D 60 -5.05 1.22 18.82
C PRO D 60 -6.30 1.83 19.45
N PRO D 61 -7.30 0.99 19.79
CA PRO D 61 -8.47 1.56 20.46
C PRO D 61 -8.13 2.36 21.71
N THR D 62 -7.14 1.89 22.45
CA THR D 62 -6.72 2.56 23.67
C THR D 62 -6.29 3.99 23.39
N VAL D 63 -5.45 4.15 22.38
CA VAL D 63 -4.96 5.47 22.01
C VAL D 63 -6.09 6.32 21.45
N TYR D 64 -6.91 5.75 20.58
CA TYR D 64 -7.95 6.53 19.91
C TYR D 64 -9.06 6.97 20.87
N ARG D 65 -9.45 6.11 21.80
CA ARG D 65 -10.40 6.48 22.84
C ARG D 65 -9.87 7.65 23.67
N ALA D 66 -8.61 7.55 24.05
CA ALA D 66 -7.96 8.60 24.81
C ALA D 66 -7.94 9.91 24.02
N LEU D 67 -7.55 9.84 22.76
CA LEU D 67 -7.49 11.02 21.91
C LEU D 67 -8.84 11.67 21.71
N ASP D 68 -9.88 10.86 21.53
CA ASP D 68 -11.25 11.37 21.39
C ASP D 68 -11.67 12.16 22.61
N PHE D 69 -11.45 11.59 23.79
CA PHE D 69 -11.75 12.28 25.04
C PHE D 69 -10.96 13.58 25.15
N LEU D 70 -9.65 13.49 24.96
CA LEU D 70 -8.75 14.63 25.03
C LEU D 70 -9.13 15.69 23.98
N LEU D 71 -9.67 15.25 22.85
CA LEU D 71 -10.15 16.19 21.83
C LEU D 71 -11.45 16.85 22.21
N GLU D 72 -12.37 16.08 22.79
CA GLU D 72 -13.68 16.61 23.15
C GLU D 72 -13.55 17.64 24.28
N GLN D 73 -12.84 17.26 25.33
CA GLN D 73 -12.28 18.25 26.25
C GLN D 73 -11.22 18.88 25.37
N GLY D 74 -10.92 20.15 25.53
CA GLY D 74 -10.14 20.81 24.48
C GLY D 74 -8.64 20.77 24.64
N PHE D 75 -8.10 19.65 25.13
CA PHE D 75 -6.67 19.57 25.48
C PHE D 75 -5.76 19.30 24.28
N VAL D 76 -6.33 18.68 23.24
CA VAL D 76 -5.56 18.24 22.09
C VAL D 76 -6.22 18.76 20.81
N HIS D 77 -5.41 19.06 19.80
CA HIS D 77 -5.89 19.38 18.48
C HIS D 77 -5.40 18.32 17.50
N LYS D 78 -6.26 17.98 16.56
CA LYS D 78 -5.89 17.15 15.43
C LYS D 78 -5.33 18.06 14.37
N VAL D 79 -4.11 17.77 13.94
CA VAL D 79 -3.50 18.42 12.79
C VAL D 79 -3.96 17.64 11.56
N GLU D 80 -4.90 18.22 10.83
CA GLU D 80 -5.57 17.53 9.71
C GLU D 80 -4.72 17.29 8.46
N SER D 81 -3.77 18.18 8.17
CA SER D 81 -3.03 18.10 6.91
C SER D 81 -1.99 17.01 6.98
N THR D 82 -1.41 16.81 8.16
CA THR D 82 -0.75 15.57 8.49
C THR D 82 -1.89 14.71 8.98
N ASN D 83 -1.63 13.64 9.71
CA ASN D 83 -2.74 12.97 10.39
C ASN D 83 -2.27 12.72 11.80
N SER D 84 -2.00 13.82 12.47
CA SER D 84 -1.27 13.83 13.73
C SER D 84 -2.04 14.62 14.78
N TYR D 85 -1.51 14.58 16.00
CA TYR D 85 -2.17 15.17 17.15
C TYR D 85 -1.15 15.94 18.01
N VAL D 86 -1.57 17.09 18.51
CA VAL D 86 -0.69 17.94 19.28
C VAL D 86 -1.41 18.46 20.51
N LEU D 87 -0.65 18.66 21.58
CA LEU D 87 -1.17 19.28 22.80
C LEU D 87 -1.57 20.72 22.50
N CYS D 88 -2.67 21.15 23.07
CA CYS D 88 -3.11 22.54 22.95
C CYS D 88 -2.46 23.36 24.04
N HIS D 89 -1.77 24.43 23.66
CA HIS D 89 -1.06 25.27 24.65
C HIS D 89 -1.88 26.51 25.03
N LEU D 90 -3.20 26.44 24.87
CA LEU D 90 -4.07 27.60 25.08
C LEU D 90 -5.44 27.25 25.68
N PHE D 91 -5.55 26.15 26.41
CA PHE D 91 -6.86 25.78 26.96
C PHE D 91 -7.10 26.35 28.36
N ASP D 92 -6.07 27.00 28.92
CA ASP D 92 -6.21 27.75 30.19
C ASP D 92 -7.19 28.92 30.05
N GLN D 93 -7.23 29.54 28.87
CA GLN D 93 -8.23 30.54 28.52
C GLN D 93 -9.53 29.85 28.05
N PRO D 94 -10.61 30.63 27.85
CA PRO D 94 -11.79 30.05 27.20
C PRO D 94 -11.51 29.58 25.77
N THR D 95 -12.31 28.63 25.28
CA THR D 95 -12.07 27.99 23.97
C THR D 95 -11.85 29.02 22.85
N HIS D 96 -11.09 28.61 21.84
CA HIS D 96 -10.38 29.56 20.98
C HIS D 96 -10.25 29.11 19.53
N THR D 97 -9.94 30.08 18.67
CA THR D 97 -9.44 29.80 17.33
C THR D 97 -7.92 29.77 17.39
N SER D 98 -7.30 28.95 16.53
CA SER D 98 -5.86 28.89 16.43
C SER D 98 -5.41 28.54 15.03
N ALA D 99 -4.16 28.88 14.73
CA ALA D 99 -3.53 28.51 13.48
C ALA D 99 -2.26 27.73 13.82
N MET D 100 -2.07 26.61 13.12
CA MET D 100 -0.92 25.75 13.35
C MET D 100 0.14 26.04 12.32
N PHE D 101 1.38 26.20 12.78
CA PHE D 101 2.51 26.43 11.89
C PHE D 101 3.43 25.20 11.92
N ILE D 102 3.45 24.48 10.82
CA ILE D 102 4.02 23.14 10.77
C ILE D 102 5.31 23.13 9.96
N CYS D 103 6.41 22.70 10.58
CA CYS D 103 7.67 22.51 9.86
C CYS D 103 7.65 21.16 9.17
N ASP D 104 7.96 21.14 7.88
CA ASP D 104 7.92 19.90 7.10
C ASP D 104 9.10 18.99 7.43
N ARG D 105 10.27 19.59 7.66
CA ARG D 105 11.47 18.82 7.98
C ARG D 105 11.55 18.42 9.46
N CYS D 106 11.72 19.37 10.37
CA CYS D 106 11.90 19.02 11.80
C CYS D 106 10.60 18.70 12.54
N GLY D 107 9.44 18.96 11.91
CA GLY D 107 8.15 18.46 12.40
C GLY D 107 7.45 19.22 13.50
N ALA D 108 8.07 20.26 14.04
CA ALA D 108 7.53 21.00 15.19
C ALA D 108 6.38 21.93 14.75
N VAL D 109 5.48 22.24 15.68
CA VAL D 109 4.35 23.11 15.37
C VAL D 109 4.09 24.13 16.47
N LYS D 110 3.84 25.37 16.06
CA LYS D 110 3.47 26.42 17.01
C LYS D 110 2.00 26.75 16.84
N GLU D 111 1.24 26.67 17.93
CA GLU D 111 -0.15 27.09 17.93
C GLU D 111 -0.21 28.59 18.26
N GLU D 112 -0.78 29.39 17.37
CA GLU D 112 -0.89 30.83 17.58
C GLU D 112 -2.32 31.32 17.31
N CYS D 113 -2.87 32.06 18.27
CA CYS D 113 -4.21 32.63 18.14
C CYS D 113 -4.26 33.60 16.97
N ALA D 114 -5.44 33.72 16.37
CA ALA D 114 -5.63 34.61 15.23
C ALA D 114 -7.06 35.15 15.21
N GLU D 115 -7.24 36.33 15.80
CA GLU D 115 -8.56 36.97 15.88
C GLU D 115 -8.98 37.41 14.49
N GLY D 116 -8.06 38.08 13.79
CA GLY D 116 -8.31 38.58 12.44
C GLY D 116 -8.74 37.50 11.48
N VAL D 117 -8.16 36.30 11.63
CA VAL D 117 -8.47 35.17 10.76
C VAL D 117 -9.91 34.70 10.94
N GLU D 118 -10.28 34.43 12.18
CA GLU D 118 -11.65 34.04 12.53
C GLU D 118 -12.67 35.02 11.93
N ASP D 119 -12.40 36.31 12.08
CA ASP D 119 -13.31 37.35 11.63
C ASP D 119 -13.44 37.40 10.12
N ILE D 120 -12.31 37.31 9.42
CA ILE D 120 -12.32 37.34 7.96
C ILE D 120 -13.09 36.15 7.40
N MET D 121 -12.88 34.99 8.01
CA MET D 121 -13.58 33.78 7.61
C MET D 121 -15.09 33.92 7.85
N HIS D 122 -15.46 34.56 8.96
CA HIS D 122 -16.86 34.85 9.22
C HIS D 122 -17.43 35.79 8.16
N THR D 123 -16.61 36.77 7.76
CA THR D 123 -17.01 37.77 6.75
C THR D 123 -17.23 37.10 5.39
N LEU D 124 -16.28 36.25 4.99
CA LEU D 124 -16.42 35.48 3.76
C LEU D 124 -17.60 34.51 3.86
N ALA D 125 -17.78 33.90 5.02
CA ALA D 125 -18.90 32.99 5.24
C ALA D 125 -20.23 33.72 5.17
N ALA D 126 -20.27 34.93 5.74
CA ALA D 126 -21.51 35.71 5.81
C ALA D 126 -22.06 36.10 4.44
N LYS D 127 -21.17 36.49 3.52
CA LYS D 127 -21.57 36.92 2.17
C LYS D 127 -22.30 35.83 1.40
N MET D 128 -21.71 34.63 1.36
CA MET D 128 -22.44 33.41 0.98
C MET D 128 -23.31 33.03 2.17
N GLY D 129 -24.32 32.20 1.98
CA GLY D 129 -25.22 31.88 3.10
C GLY D 129 -24.69 30.83 4.07
N PHE D 130 -23.40 30.91 4.40
CA PHE D 130 -22.69 29.77 4.99
C PHE D 130 -22.51 29.94 6.49
N ALA D 131 -23.23 29.10 7.25
CA ALA D 131 -23.12 29.07 8.70
C ALA D 131 -21.84 28.39 9.15
N LEU D 132 -20.78 29.16 9.27
CA LEU D 132 -19.47 28.66 9.68
C LEU D 132 -19.52 28.12 11.11
N ARG D 133 -18.86 27.00 11.33
CA ARG D 133 -18.86 26.33 12.63
C ARG D 133 -17.45 26.23 13.19
N HIS D 134 -16.54 25.71 12.39
CA HIS D 134 -15.17 25.52 12.80
C HIS D 134 -14.20 25.81 11.66
N ASN D 135 -13.05 26.38 12.01
CA ASN D 135 -11.99 26.68 11.04
C ASN D 135 -10.79 25.78 11.24
N VAL D 136 -10.19 25.37 10.13
CA VAL D 136 -8.93 24.64 10.14
C VAL D 136 -7.91 25.51 9.43
N ILE D 137 -6.93 26.00 10.16
CA ILE D 137 -5.90 26.85 9.58
C ILE D 137 -4.55 26.22 9.90
N GLU D 138 -3.89 25.74 8.86
CA GLU D 138 -2.64 25.03 9.03
C GLU D 138 -1.64 25.54 8.01
N ALA D 139 -0.47 25.94 8.47
CA ALA D 139 0.54 26.52 7.62
C ALA D 139 1.72 25.56 7.50
N HIS D 140 2.24 25.41 6.29
CA HIS D 140 3.41 24.57 6.06
C HIS D 140 4.58 25.40 5.54
N GLY D 141 5.77 25.07 6.01
CA GLY D 141 6.99 25.74 5.59
C GLY D 141 8.15 25.29 6.45
N LEU D 142 9.04 26.22 6.78
CA LEU D 142 10.19 25.95 7.66
C LEU D 142 10.18 26.88 8.88
N CYS D 143 10.48 26.31 10.04
CA CYS D 143 10.56 27.10 11.28
C CYS D 143 11.95 27.71 11.44
N ALA D 144 12.08 28.65 12.38
CA ALA D 144 13.31 29.43 12.56
C ALA D 144 14.59 28.59 12.52
N ALA D 145 14.68 27.61 13.41
CA ALA D 145 15.84 26.73 13.49
C ALA D 145 16.20 26.08 12.14
N CYS D 146 15.18 25.61 11.42
CA CYS D 146 15.41 25.00 10.09
C CYS D 146 15.93 26.02 9.06
N VAL D 147 15.49 27.28 9.19
CA VAL D 147 15.94 28.33 8.29
C VAL D 147 17.45 28.59 8.45
N GLU D 148 17.95 28.53 9.69
CA GLU D 148 19.38 28.75 9.95
C GLU D 148 20.25 27.49 9.73
N VAL D 149 19.61 26.37 9.41
CA VAL D 149 20.32 25.20 8.88
C VAL D 149 20.51 25.37 7.36
N GLU D 150 19.53 26.01 6.71
CA GLU D 150 19.63 26.35 5.29
C GLU D 150 20.79 27.32 5.04
N ALA D 151 20.93 28.33 5.90
CA ALA D 151 22.04 29.28 5.80
C ALA D 151 23.35 28.64 6.30
N CYS D 152 23.96 27.82 5.44
CA CYS D 152 25.20 27.12 5.76
C CYS D 152 26.05 26.90 4.49
ZN ZN G . -24.90 21.77 2.23
ZN ZN H . -8.72 26.24 -6.95
ZN ZN I . -2.61 -29.19 0.40
ZN ZN J . -5.88 -27.48 -19.23
ZN ZN K . 21.43 -16.60 5.31
ZN ZN L . 21.26 -22.55 -13.72
ZN ZN M . 11.92 23.30 11.82
ZN ZN N . -5.47 25.19 21.20
#